data_2KKJ
#
_entry.id   2KKJ
#
_entity_poly.entity_id   1
_entity_poly.type   'polypeptide(L)'
_entity_poly.pdbx_seq_one_letter_code
;PNRSISPSALQDLLRTLKSPSSPQQQQQVLNILKSNPQLMAAFIKQRTAKYVANQPGMQ
;
_entity_poly.pdbx_strand_id   A
#
# COMPACT_ATOMS: atom_id res chain seq x y z
N PRO A 1 -6.26 22.79 -4.21
CA PRO A 1 -5.51 21.61 -4.68
C PRO A 1 -6.46 20.45 -4.93
N ASN A 2 -6.36 19.82 -6.08
CA ASN A 2 -7.16 18.64 -6.39
C ASN A 2 -6.36 17.38 -6.09
N ARG A 3 -5.06 17.57 -5.86
CA ARG A 3 -4.16 16.48 -5.48
C ARG A 3 -3.23 16.94 -4.38
N SER A 4 -3.78 17.08 -3.18
CA SER A 4 -3.00 17.53 -2.04
C SER A 4 -2.43 16.32 -1.27
N ILE A 5 -1.73 15.47 -2.00
CA ILE A 5 -1.09 14.30 -1.41
C ILE A 5 0.41 14.54 -1.32
N SER A 6 1.05 13.95 -0.32
CA SER A 6 2.47 14.14 -0.12
C SER A 6 3.28 13.23 -1.05
N PRO A 7 4.05 13.84 -1.98
CA PRO A 7 4.91 13.09 -2.89
C PRO A 7 6.08 12.45 -2.16
N SER A 8 6.52 13.09 -1.08
CA SER A 8 7.60 12.59 -0.25
C SER A 8 7.21 11.23 0.33
N ALA A 9 5.95 11.09 0.71
CA ALA A 9 5.45 9.83 1.25
C ALA A 9 5.40 8.77 0.15
N LEU A 10 4.91 9.16 -1.03
CA LEU A 10 4.79 8.25 -2.15
C LEU A 10 6.15 7.72 -2.58
N GLN A 11 7.11 8.62 -2.73
CA GLN A 11 8.47 8.25 -3.14
C GLN A 11 9.13 7.35 -2.11
N ASP A 12 8.87 7.62 -0.84
CA ASP A 12 9.41 6.80 0.24
C ASP A 12 8.74 5.43 0.24
N LEU A 13 7.46 5.42 -0.10
CA LEU A 13 6.70 4.17 -0.21
C LEU A 13 7.29 3.26 -1.28
N LEU A 14 7.70 3.85 -2.41
CA LEU A 14 8.32 3.10 -3.50
C LEU A 14 9.55 2.36 -3.00
N ARG A 15 10.36 3.09 -2.24
CA ARG A 15 11.56 2.52 -1.63
C ARG A 15 11.22 1.29 -0.81
N THR A 16 10.23 1.44 0.03
CA THR A 16 9.86 0.45 1.00
C THR A 16 9.22 -0.78 0.34
N LEU A 17 8.42 -0.55 -0.68
CA LEU A 17 7.72 -1.63 -1.36
C LEU A 17 8.68 -2.53 -2.13
N LYS A 18 9.75 -1.95 -2.66
CA LYS A 18 10.65 -2.69 -3.52
C LYS A 18 11.59 -3.60 -2.75
N SER A 19 11.90 -3.24 -1.51
CA SER A 19 12.76 -4.08 -0.68
C SER A 19 11.92 -4.86 0.34
N PRO A 20 11.64 -6.15 0.03
CA PRO A 20 10.86 -7.01 0.90
C PRO A 20 11.72 -7.97 1.73
N SER A 21 13.02 -7.97 1.48
CA SER A 21 13.93 -8.85 2.19
C SER A 21 14.32 -8.22 3.51
N SER A 22 13.31 -7.93 4.32
CA SER A 22 13.51 -7.30 5.62
C SER A 22 12.18 -7.32 6.39
N PRO A 23 12.25 -7.38 7.73
CA PRO A 23 11.07 -7.29 8.60
C PRO A 23 10.37 -5.94 8.47
N GLN A 24 11.11 -4.96 7.98
CA GLN A 24 10.61 -3.60 7.87
C GLN A 24 9.53 -3.47 6.80
N GLN A 25 9.55 -4.37 5.82
CA GLN A 25 8.67 -4.25 4.67
C GLN A 25 7.19 -4.19 5.10
N GLN A 26 6.74 -5.19 5.84
CA GLN A 26 5.34 -5.23 6.27
C GLN A 26 4.98 -4.05 7.17
N GLN A 27 5.82 -3.79 8.15
CA GLN A 27 5.55 -2.75 9.14
C GLN A 27 5.58 -1.35 8.52
N GLN A 28 6.67 -1.04 7.81
CA GLN A 28 6.88 0.31 7.28
C GLN A 28 5.88 0.63 6.18
N VAL A 29 5.70 -0.28 5.23
CA VAL A 29 4.83 -0.01 4.09
C VAL A 29 3.41 0.31 4.54
N LEU A 30 2.89 -0.48 5.48
CA LEU A 30 1.53 -0.27 5.96
C LEU A 30 1.40 1.10 6.63
N ASN A 31 2.42 1.47 7.40
CA ASN A 31 2.41 2.77 8.09
C ASN A 31 2.49 3.91 7.07
N ILE A 32 3.31 3.74 6.04
CA ILE A 32 3.43 4.73 4.98
C ILE A 32 2.12 4.82 4.21
N LEU A 33 1.51 3.67 3.96
CA LEU A 33 0.21 3.60 3.32
C LEU A 33 -0.82 4.41 4.08
N LYS A 34 -0.69 4.45 5.40
CA LYS A 34 -1.59 5.23 6.24
C LYS A 34 -1.34 6.73 6.04
N SER A 35 -0.10 7.07 5.68
CA SER A 35 0.28 8.46 5.47
C SER A 35 -0.26 8.95 4.12
N ASN A 36 -0.40 8.03 3.18
CA ASN A 36 -1.05 8.31 1.91
C ASN A 36 -2.25 7.37 1.72
N PRO A 37 -3.34 7.63 2.47
CA PRO A 37 -4.46 6.68 2.65
C PRO A 37 -5.11 6.26 1.33
N GLN A 38 -5.04 7.11 0.32
CA GLN A 38 -5.69 6.81 -0.95
C GLN A 38 -5.09 5.56 -1.59
N LEU A 39 -3.78 5.38 -1.42
CA LEU A 39 -3.10 4.20 -1.94
C LEU A 39 -3.37 3.00 -1.05
N MET A 40 -3.47 3.23 0.25
CA MET A 40 -3.79 2.17 1.19
C MET A 40 -5.17 1.61 0.88
N ALA A 41 -6.10 2.53 0.60
CA ALA A 41 -7.46 2.17 0.22
C ALA A 41 -7.46 1.26 -1.00
N ALA A 42 -6.60 1.57 -1.97
CA ALA A 42 -6.51 0.76 -3.19
C ALA A 42 -5.99 -0.64 -2.89
N PHE A 43 -4.94 -0.70 -2.09
CA PHE A 43 -4.35 -1.98 -1.70
C PHE A 43 -5.35 -2.83 -0.90
N ILE A 44 -6.03 -2.21 0.05
CA ILE A 44 -7.00 -2.93 0.88
C ILE A 44 -8.17 -3.41 0.05
N LYS A 45 -8.57 -2.61 -0.93
CA LYS A 45 -9.68 -2.95 -1.82
C LYS A 45 -9.37 -4.21 -2.63
N GLN A 46 -8.07 -4.42 -2.90
CA GLN A 46 -7.63 -5.59 -3.66
C GLN A 46 -7.50 -6.81 -2.76
N ARG A 47 -7.47 -6.56 -1.45
CA ARG A 47 -7.38 -7.62 -0.43
C ARG A 47 -6.10 -8.44 -0.56
N THR A 48 -5.05 -7.81 -1.10
CA THR A 48 -3.74 -8.47 -1.27
C THR A 48 -3.80 -9.60 -2.31
N ALA A 49 -4.23 -10.78 -1.87
CA ALA A 49 -4.24 -11.95 -2.75
C ALA A 49 -5.59 -12.66 -2.74
N LYS A 50 -6.59 -12.00 -2.21
CA LYS A 50 -7.94 -12.54 -2.22
C LYS A 50 -8.66 -12.00 -3.44
N TYR A 51 -9.44 -12.85 -4.09
CA TYR A 51 -10.10 -12.47 -5.34
C TYR A 51 -11.54 -12.05 -5.08
N VAL A 52 -11.70 -10.77 -4.80
CA VAL A 52 -13.00 -10.21 -4.49
C VAL A 52 -13.55 -9.45 -5.69
N ALA A 53 -12.87 -9.59 -6.83
CA ALA A 53 -13.30 -8.95 -8.07
C ALA A 53 -14.42 -9.76 -8.73
N ASN A 54 -15.49 -9.98 -7.99
CA ASN A 54 -16.62 -10.74 -8.47
C ASN A 54 -17.87 -9.86 -8.46
N GLN A 55 -18.23 -9.36 -9.63
CA GLN A 55 -19.43 -8.56 -9.78
C GLN A 55 -20.45 -9.35 -10.58
N PRO A 56 -21.73 -9.34 -10.16
CA PRO A 56 -22.81 -10.07 -10.84
C PRO A 56 -23.19 -9.47 -12.21
N GLY A 57 -22.17 -9.20 -13.01
CA GLY A 57 -22.38 -8.76 -14.37
C GLY A 57 -21.55 -9.57 -15.34
N MET A 58 -20.83 -10.56 -14.82
CA MET A 58 -19.97 -11.41 -15.63
C MET A 58 -20.77 -12.59 -16.16
N GLN A 59 -20.53 -12.95 -17.41
CA GLN A 59 -21.21 -14.08 -18.02
C GLN A 59 -20.19 -15.14 -18.42
N PRO A 1 2.49 15.52 -13.30
CA PRO A 1 1.72 14.68 -12.37
C PRO A 1 0.66 15.51 -11.66
N ASN A 2 0.08 14.98 -10.59
CA ASN A 2 -1.04 15.63 -9.91
C ASN A 2 -0.61 16.97 -9.28
N ARG A 3 0.62 17.01 -8.78
CA ARG A 3 1.20 18.21 -8.15
C ARG A 3 0.54 18.50 -6.81
N SER A 4 -0.19 17.52 -6.29
CA SER A 4 -0.89 17.70 -5.03
C SER A 4 -0.46 16.64 -4.01
N ILE A 5 -0.28 15.41 -4.49
CA ILE A 5 0.10 14.30 -3.62
C ILE A 5 1.53 14.46 -3.12
N SER A 6 1.76 14.15 -1.85
CA SER A 6 3.05 14.34 -1.21
C SER A 6 4.11 13.43 -1.83
N PRO A 7 5.15 14.05 -2.44
CA PRO A 7 6.20 13.32 -3.16
C PRO A 7 7.04 12.42 -2.25
N SER A 8 7.41 12.94 -1.08
CA SER A 8 8.25 12.20 -0.14
C SER A 8 7.59 10.89 0.28
N ALA A 9 6.28 10.93 0.50
CA ALA A 9 5.53 9.75 0.90
C ALA A 9 5.65 8.67 -0.16
N LEU A 10 5.49 9.07 -1.41
CA LEU A 10 5.60 8.14 -2.54
C LEU A 10 7.02 7.61 -2.69
N GLN A 11 8.00 8.53 -2.65
CA GLN A 11 9.40 8.17 -2.84
C GLN A 11 9.86 7.17 -1.79
N ASP A 12 9.56 7.45 -0.53
CA ASP A 12 10.00 6.58 0.55
C ASP A 12 9.28 5.24 0.50
N LEU A 13 8.03 5.27 0.05
CA LEU A 13 7.24 4.06 -0.12
C LEU A 13 7.93 3.11 -1.09
N LEU A 14 8.39 3.66 -2.22
CA LEU A 14 9.12 2.88 -3.21
C LEU A 14 10.37 2.28 -2.59
N ARG A 15 11.08 3.13 -1.86
CA ARG A 15 12.34 2.74 -1.23
C ARG A 15 12.17 1.53 -0.32
N THR A 16 11.21 1.60 0.58
CA THR A 16 10.98 0.53 1.55
C THR A 16 10.32 -0.69 0.91
N LEU A 17 9.39 -0.47 0.00
CA LEU A 17 8.59 -1.54 -0.58
C LEU A 17 9.45 -2.48 -1.42
N LYS A 18 10.44 -1.93 -2.09
CA LYS A 18 11.28 -2.71 -2.99
C LYS A 18 12.43 -3.37 -2.25
N SER A 19 12.44 -3.25 -0.92
CA SER A 19 13.41 -3.95 -0.09
C SER A 19 12.73 -5.16 0.56
N PRO A 20 12.93 -6.36 -0.03
CA PRO A 20 12.38 -7.61 0.47
C PRO A 20 13.35 -8.33 1.39
N SER A 21 12.85 -9.40 2.04
CA SER A 21 13.64 -10.11 3.06
C SER A 21 14.05 -9.12 4.14
N SER A 22 13.16 -8.19 4.42
CA SER A 22 13.42 -7.10 5.33
C SER A 22 12.11 -6.63 5.96
N PRO A 23 12.14 -6.36 7.27
CA PRO A 23 10.96 -5.93 8.04
C PRO A 23 10.28 -4.70 7.46
N GLN A 24 11.03 -3.92 6.69
CA GLN A 24 10.53 -2.67 6.13
C GLN A 24 9.35 -2.92 5.20
N GLN A 25 9.43 -4.00 4.42
CA GLN A 25 8.42 -4.31 3.42
C GLN A 25 7.04 -4.39 4.06
N GLN A 26 6.92 -5.18 5.11
CA GLN A 26 5.65 -5.32 5.80
C GLN A 26 5.36 -4.12 6.71
N GLN A 27 6.34 -3.76 7.53
CA GLN A 27 6.13 -2.77 8.59
C GLN A 27 5.95 -1.35 8.05
N GLN A 28 6.92 -0.89 7.26
CA GLN A 28 6.96 0.51 6.85
C GLN A 28 5.88 0.83 5.82
N VAL A 29 5.72 -0.06 4.85
CA VAL A 29 4.75 0.16 3.77
C VAL A 29 3.34 0.29 4.33
N LEU A 30 3.03 -0.51 5.34
CA LEU A 30 1.73 -0.46 6.00
C LEU A 30 1.51 0.91 6.65
N ASN A 31 2.56 1.42 7.28
CA ASN A 31 2.50 2.72 7.95
C ASN A 31 2.33 3.85 6.94
N ILE A 32 3.10 3.79 5.86
CA ILE A 32 3.05 4.83 4.83
C ILE A 32 1.67 4.84 4.16
N LEU A 33 1.15 3.66 3.88
CA LEU A 33 -0.19 3.54 3.31
C LEU A 33 -1.24 4.15 4.23
N LYS A 34 -1.03 4.02 5.53
CA LYS A 34 -1.95 4.56 6.51
C LYS A 34 -2.05 6.08 6.41
N SER A 35 -0.96 6.73 6.00
CA SER A 35 -0.94 8.17 5.85
C SER A 35 -1.34 8.58 4.43
N ASN A 36 -1.66 7.60 3.59
CA ASN A 36 -2.12 7.87 2.23
C ASN A 36 -3.42 7.11 1.97
N PRO A 37 -4.54 7.67 2.47
CA PRO A 37 -5.85 7.00 2.47
C PRO A 37 -6.32 6.58 1.09
N GLN A 38 -5.89 7.30 0.06
CA GLN A 38 -6.30 6.98 -1.31
C GLN A 38 -5.84 5.60 -1.72
N LEU A 39 -4.54 5.34 -1.59
CA LEU A 39 -3.96 4.07 -2.02
C LEU A 39 -4.35 2.97 -1.03
N MET A 40 -4.35 3.32 0.25
CA MET A 40 -4.67 2.38 1.31
C MET A 40 -6.08 1.85 1.15
N ALA A 41 -7.02 2.76 0.87
CA ALA A 41 -8.42 2.39 0.65
C ALA A 41 -8.54 1.39 -0.49
N ALA A 42 -7.83 1.67 -1.58
CA ALA A 42 -7.85 0.80 -2.75
C ALA A 42 -7.26 -0.57 -2.43
N PHE A 43 -6.19 -0.56 -1.65
CA PHE A 43 -5.51 -1.79 -1.25
C PHE A 43 -6.40 -2.64 -0.35
N ILE A 44 -7.06 -1.99 0.60
CA ILE A 44 -7.99 -2.69 1.50
C ILE A 44 -9.21 -3.17 0.74
N LYS A 45 -9.67 -2.36 -0.21
CA LYS A 45 -10.79 -2.72 -1.07
C LYS A 45 -10.49 -4.00 -1.84
N GLN A 46 -9.32 -4.02 -2.46
CA GLN A 46 -8.90 -5.16 -3.27
C GLN A 46 -8.46 -6.33 -2.40
N ARG A 47 -8.06 -6.01 -1.16
CA ARG A 47 -7.61 -7.02 -0.21
C ARG A 47 -6.44 -7.80 -0.78
N THR A 48 -5.41 -7.06 -1.20
CA THR A 48 -4.20 -7.62 -1.80
C THR A 48 -4.50 -8.17 -3.20
N ALA A 49 -5.27 -9.25 -3.26
CA ALA A 49 -5.64 -9.89 -4.52
C ALA A 49 -6.69 -10.97 -4.29
N LYS A 50 -7.59 -10.71 -3.35
CA LYS A 50 -8.61 -11.70 -2.99
C LYS A 50 -9.96 -11.35 -3.58
N TYR A 51 -10.27 -11.97 -4.72
CA TYR A 51 -11.57 -11.88 -5.38
C TYR A 51 -11.77 -10.53 -6.08
N VAL A 52 -11.24 -9.48 -5.51
CA VAL A 52 -11.38 -8.16 -6.08
C VAL A 52 -10.27 -7.88 -7.09
N ALA A 53 -10.18 -8.75 -8.09
CA ALA A 53 -9.25 -8.55 -9.19
C ALA A 53 -9.87 -7.62 -10.21
N ASN A 54 -9.07 -6.75 -10.81
CA ASN A 54 -9.60 -5.66 -11.61
C ASN A 54 -9.59 -6.02 -13.09
N GLN A 55 -10.27 -7.11 -13.44
CA GLN A 55 -10.49 -7.44 -14.83
C GLN A 55 -11.88 -6.95 -15.25
N PRO A 56 -11.94 -6.04 -16.23
CA PRO A 56 -13.18 -5.44 -16.68
C PRO A 56 -13.86 -6.27 -17.76
N GLY A 57 -13.29 -7.44 -18.02
CA GLY A 57 -13.76 -8.29 -19.08
C GLY A 57 -12.61 -8.73 -19.95
N MET A 58 -11.83 -7.77 -20.41
CA MET A 58 -10.61 -8.05 -21.15
C MET A 58 -9.50 -8.41 -20.16
N GLN A 59 -8.77 -9.46 -20.48
CA GLN A 59 -7.68 -9.92 -19.62
C GLN A 59 -6.49 -8.97 -19.74
N PRO A 1 -2.41 19.37 4.48
CA PRO A 1 -2.85 17.96 4.46
C PRO A 1 -3.85 17.68 3.35
N ASN A 2 -4.80 18.58 3.15
CA ASN A 2 -5.93 18.34 2.25
C ASN A 2 -5.57 18.63 0.79
N ARG A 3 -4.44 19.27 0.55
CA ARG A 3 -4.07 19.65 -0.80
C ARG A 3 -2.83 18.88 -1.26
N SER A 4 -2.95 18.23 -2.42
CA SER A 4 -1.84 17.55 -3.08
C SER A 4 -1.47 16.23 -2.40
N ILE A 5 -0.87 15.35 -3.18
CA ILE A 5 -0.35 14.08 -2.68
C ILE A 5 1.13 14.24 -2.33
N SER A 6 1.52 13.79 -1.15
CA SER A 6 2.89 13.96 -0.70
C SER A 6 3.84 13.09 -1.52
N PRO A 7 4.78 13.71 -2.24
CA PRO A 7 5.75 13.00 -3.07
C PRO A 7 6.80 12.28 -2.22
N SER A 8 7.00 12.77 -1.00
CA SER A 8 7.95 12.16 -0.08
C SER A 8 7.52 10.74 0.28
N ALA A 9 6.23 10.58 0.59
CA ALA A 9 5.68 9.28 0.93
C ALA A 9 5.78 8.32 -0.25
N LEU A 10 5.61 8.86 -1.45
CA LEU A 10 5.70 8.05 -2.66
C LEU A 10 7.11 7.53 -2.86
N GLN A 11 8.09 8.37 -2.56
CA GLN A 11 9.50 7.99 -2.67
C GLN A 11 9.86 6.99 -1.58
N ASP A 12 9.41 7.24 -0.36
CA ASP A 12 9.66 6.33 0.75
C ASP A 12 9.05 4.96 0.45
N LEU A 13 7.85 4.99 -0.11
CA LEU A 13 7.13 3.78 -0.45
C LEU A 13 7.92 2.92 -1.44
N LEU A 14 8.43 3.55 -2.50
CA LEU A 14 9.15 2.81 -3.53
C LEU A 14 10.40 2.17 -2.95
N ARG A 15 11.03 2.88 -2.03
CA ARG A 15 12.24 2.40 -1.37
C ARG A 15 11.96 1.15 -0.53
N THR A 16 10.95 1.24 0.33
CA THR A 16 10.65 0.16 1.25
C THR A 16 9.99 -1.04 0.55
N LEU A 17 9.12 -0.75 -0.41
CA LEU A 17 8.33 -1.80 -1.06
C LEU A 17 9.20 -2.71 -1.91
N LYS A 18 10.22 -2.15 -2.54
CA LYS A 18 11.07 -2.92 -3.45
C LYS A 18 12.06 -3.80 -2.70
N SER A 19 12.34 -3.46 -1.44
CA SER A 19 13.24 -4.26 -0.61
C SER A 19 12.45 -5.14 0.37
N PRO A 20 12.28 -6.43 0.05
CA PRO A 20 11.51 -7.35 0.87
C PRO A 20 12.36 -8.07 1.92
N SER A 21 13.61 -7.62 2.06
CA SER A 21 14.55 -8.28 2.96
C SER A 21 14.54 -7.62 4.34
N SER A 22 13.40 -7.09 4.74
CA SER A 22 13.30 -6.39 6.01
C SER A 22 11.82 -6.17 6.35
N PRO A 23 11.50 -6.15 7.66
CA PRO A 23 10.14 -5.87 8.18
C PRO A 23 9.48 -4.64 7.56
N GLN A 24 10.30 -3.76 6.98
CA GLN A 24 9.81 -2.54 6.36
C GLN A 24 8.82 -2.86 5.24
N GLN A 25 9.04 -3.98 4.57
CA GLN A 25 8.19 -4.34 3.43
C GLN A 25 6.73 -4.41 3.85
N GLN A 26 6.43 -5.22 4.87
CA GLN A 26 5.06 -5.30 5.36
C GLN A 26 4.68 -4.08 6.21
N GLN A 27 5.53 -3.76 7.19
CA GLN A 27 5.19 -2.75 8.19
C GLN A 27 5.19 -1.32 7.63
N GLN A 28 6.27 -0.94 6.97
CA GLN A 28 6.43 0.43 6.51
C GLN A 28 5.43 0.78 5.43
N VAL A 29 5.26 -0.11 4.47
CA VAL A 29 4.28 0.09 3.41
C VAL A 29 2.88 0.23 3.99
N LEU A 30 2.56 -0.64 4.94
CA LEU A 30 1.27 -0.58 5.62
C LEU A 30 1.05 0.79 6.24
N ASN A 31 2.07 1.27 6.92
CA ASN A 31 2.00 2.56 7.60
C ASN A 31 1.92 3.73 6.63
N ILE A 32 2.73 3.70 5.57
CA ILE A 32 2.77 4.81 4.62
C ILE A 32 1.43 4.99 3.95
N LEU A 33 0.91 3.89 3.42
CA LEU A 33 -0.34 3.92 2.68
C LEU A 33 -1.48 4.52 3.51
N LYS A 34 -1.45 4.35 4.82
CA LYS A 34 -2.53 4.87 5.65
C LYS A 34 -2.53 6.40 5.75
N SER A 35 -1.37 7.03 5.59
CA SER A 35 -1.21 8.45 5.92
C SER A 35 -1.74 9.42 4.85
N ASN A 36 -1.74 8.98 3.60
CA ASN A 36 -2.01 9.89 2.45
C ASN A 36 -2.21 9.06 1.18
N PRO A 37 -1.33 8.06 0.96
CA PRO A 37 -1.56 6.87 0.13
C PRO A 37 -2.89 6.16 0.39
N GLN A 38 -3.69 6.72 1.32
CA GLN A 38 -4.92 6.12 1.89
C GLN A 38 -5.83 5.51 0.83
N LEU A 39 -5.58 5.77 -0.43
CA LEU A 39 -6.20 4.97 -1.49
C LEU A 39 -6.02 3.47 -1.16
N MET A 40 -4.89 3.07 -0.54
CA MET A 40 -4.72 1.70 -0.07
C MET A 40 -5.59 1.44 1.14
N ALA A 41 -5.85 2.46 1.95
CA ALA A 41 -6.74 2.29 3.10
C ALA A 41 -8.08 1.73 2.62
N ALA A 42 -8.54 2.20 1.47
CA ALA A 42 -9.70 1.62 0.80
C ALA A 42 -9.37 0.24 0.23
N PHE A 43 -8.20 0.14 -0.40
CA PHE A 43 -7.68 -1.11 -0.97
C PHE A 43 -7.74 -2.26 0.03
N ILE A 44 -7.34 -1.99 1.27
CA ILE A 44 -7.36 -3.01 2.33
C ILE A 44 -8.79 -3.48 2.59
N LYS A 45 -9.74 -2.55 2.58
CA LYS A 45 -11.13 -2.87 2.85
C LYS A 45 -11.76 -3.67 1.70
N GLN A 46 -11.26 -3.44 0.49
CA GLN A 46 -11.77 -4.12 -0.67
C GLN A 46 -11.12 -5.51 -0.82
N ARG A 47 -9.81 -5.54 -0.58
CA ARG A 47 -9.02 -6.78 -0.69
C ARG A 47 -8.98 -7.31 -2.11
N THR A 48 -9.32 -6.44 -3.07
CA THR A 48 -9.45 -6.81 -4.47
C THR A 48 -10.69 -7.69 -4.67
N ALA A 49 -11.62 -7.20 -5.48
CA ALA A 49 -12.90 -7.85 -5.70
C ALA A 49 -12.75 -9.16 -6.48
N LYS A 50 -12.41 -10.22 -5.77
CA LYS A 50 -12.27 -11.53 -6.37
C LYS A 50 -13.56 -12.32 -6.25
N TYR A 51 -14.31 -12.05 -5.20
CA TYR A 51 -15.55 -12.78 -4.92
C TYR A 51 -16.61 -11.87 -4.33
N VAL A 52 -17.86 -12.34 -4.40
CA VAL A 52 -19.02 -11.62 -3.87
C VAL A 52 -19.30 -10.33 -4.65
N ALA A 53 -18.56 -9.28 -4.36
CA ALA A 53 -18.76 -8.00 -5.00
C ALA A 53 -17.89 -7.88 -6.24
N ASN A 54 -18.10 -8.81 -7.17
CA ASN A 54 -17.33 -8.86 -8.39
C ASN A 54 -17.59 -7.62 -9.24
N GLN A 55 -18.81 -7.10 -9.17
CA GLN A 55 -19.15 -5.86 -9.84
C GLN A 55 -18.74 -4.68 -8.96
N PRO A 56 -17.90 -3.77 -9.49
CA PRO A 56 -17.35 -2.65 -8.74
C PRO A 56 -18.33 -1.50 -8.54
N GLY A 57 -19.59 -1.71 -8.92
CA GLY A 57 -20.59 -0.68 -8.76
C GLY A 57 -21.84 -0.96 -9.54
N MET A 58 -22.64 0.06 -9.74
CA MET A 58 -23.89 -0.07 -10.49
C MET A 58 -23.60 -0.03 -11.99
N GLN A 59 -24.27 -0.90 -12.74
CA GLN A 59 -24.13 -0.99 -14.18
C GLN A 59 -22.71 -1.41 -14.56
N PRO A 1 2.44 17.28 10.21
CA PRO A 1 0.96 17.35 10.26
C PRO A 1 0.45 18.54 9.48
N ASN A 2 -0.26 18.26 8.38
CA ASN A 2 -0.85 19.29 7.54
C ASN A 2 -1.85 18.66 6.59
N ARG A 3 -2.71 19.48 6.01
CA ARG A 3 -3.75 18.98 5.10
C ARG A 3 -3.24 19.02 3.66
N SER A 4 -2.04 18.47 3.48
CA SER A 4 -1.41 18.38 2.18
C SER A 4 -0.47 17.20 2.18
N ILE A 5 -0.64 16.30 1.22
CA ILE A 5 0.12 15.05 1.20
C ILE A 5 1.60 15.31 0.91
N SER A 6 2.43 15.02 1.90
CA SER A 6 3.87 15.21 1.76
C SER A 6 4.46 14.22 0.76
N PRO A 7 5.24 14.71 -0.21
CA PRO A 7 5.90 13.87 -1.23
C PRO A 7 6.95 12.93 -0.63
N SER A 8 7.23 13.12 0.64
CA SER A 8 8.18 12.29 1.37
C SER A 8 7.76 10.82 1.29
N ALA A 9 6.47 10.59 1.48
CA ALA A 9 5.94 9.23 1.49
C ALA A 9 6.13 8.54 0.14
N LEU A 10 6.02 9.31 -0.93
CA LEU A 10 6.11 8.77 -2.27
C LEU A 10 7.51 8.24 -2.55
N GLN A 11 8.50 9.06 -2.23
CA GLN A 11 9.90 8.70 -2.44
C GLN A 11 10.33 7.62 -1.46
N ASP A 12 9.79 7.70 -0.25
CA ASP A 12 10.09 6.74 0.81
C ASP A 12 9.54 5.36 0.45
N LEU A 13 8.35 5.35 -0.17
CA LEU A 13 7.66 4.11 -0.53
C LEU A 13 8.50 3.27 -1.48
N LEU A 14 9.03 3.91 -2.51
CA LEU A 14 9.82 3.19 -3.51
C LEU A 14 11.05 2.58 -2.88
N ARG A 15 11.60 3.29 -1.90
CA ARG A 15 12.79 2.85 -1.19
C ARG A 15 12.52 1.60 -0.36
N THR A 16 11.48 1.67 0.47
CA THR A 16 11.17 0.59 1.40
C THR A 16 10.55 -0.63 0.70
N LEU A 17 9.62 -0.38 -0.22
CA LEU A 17 8.87 -1.45 -0.90
C LEU A 17 9.81 -2.31 -1.73
N LYS A 18 10.95 -1.74 -2.10
CA LYS A 18 11.92 -2.43 -2.91
C LYS A 18 12.62 -3.54 -2.13
N SER A 19 12.50 -3.48 -0.80
CA SER A 19 13.11 -4.49 0.06
C SER A 19 12.06 -5.48 0.55
N PRO A 20 12.01 -6.67 -0.06
CA PRO A 20 11.08 -7.71 0.36
C PRO A 20 11.69 -8.64 1.41
N SER A 21 12.97 -8.44 1.69
CA SER A 21 13.69 -9.26 2.66
C SER A 21 13.38 -8.80 4.08
N SER A 22 13.15 -7.51 4.22
CA SER A 22 13.00 -6.90 5.53
C SER A 22 11.53 -6.75 5.91
N PRO A 23 11.26 -6.52 7.22
CA PRO A 23 9.91 -6.25 7.74
C PRO A 23 9.29 -5.01 7.12
N GLN A 24 10.14 -4.17 6.53
CA GLN A 24 9.74 -2.86 6.03
C GLN A 24 8.68 -3.00 4.94
N GLN A 25 8.68 -4.16 4.27
CA GLN A 25 7.75 -4.43 3.19
C GLN A 25 6.30 -4.24 3.64
N GLN A 26 5.89 -4.97 4.68
CA GLN A 26 4.55 -4.80 5.22
C GLN A 26 4.45 -3.57 6.13
N GLN A 27 5.36 -3.47 7.10
CA GLN A 27 5.21 -2.51 8.20
C GLN A 27 5.40 -1.06 7.76
N GLN A 28 6.53 -0.76 7.11
CA GLN A 28 6.85 0.61 6.74
C GLN A 28 5.97 1.08 5.59
N VAL A 29 5.76 0.20 4.62
CA VAL A 29 4.87 0.50 3.51
C VAL A 29 3.46 0.80 4.02
N LEU A 30 3.02 0.03 5.02
CA LEU A 30 1.70 0.22 5.63
C LEU A 30 1.54 1.64 6.17
N ASN A 31 2.63 2.17 6.72
CA ASN A 31 2.65 3.54 7.22
C ASN A 31 2.47 4.53 6.08
N ILE A 32 3.08 4.23 4.94
CA ILE A 32 2.97 5.07 3.76
C ILE A 32 1.59 4.92 3.11
N LEU A 33 1.02 3.72 3.25
CA LEU A 33 -0.33 3.45 2.75
C LEU A 33 -1.32 4.50 3.29
N LYS A 34 -1.06 5.01 4.49
CA LYS A 34 -1.92 6.00 5.13
C LYS A 34 -1.89 7.37 4.42
N SER A 35 -0.79 7.69 3.74
CA SER A 35 -0.55 9.06 3.28
C SER A 35 -1.30 9.41 1.98
N ASN A 36 -1.63 8.41 1.18
CA ASN A 36 -2.19 8.64 -0.17
C ASN A 36 -2.57 7.30 -0.80
N PRO A 37 -1.68 6.29 -0.66
CA PRO A 37 -1.99 4.87 -0.83
C PRO A 37 -3.29 4.39 -0.14
N GLN A 38 -3.98 5.30 0.58
CA GLN A 38 -5.21 5.03 1.37
C GLN A 38 -6.21 4.17 0.63
N LEU A 39 -6.03 3.97 -0.66
CA LEU A 39 -6.74 2.90 -1.36
C LEU A 39 -6.66 1.60 -0.55
N MET A 40 -5.58 1.44 0.21
CA MET A 40 -5.41 0.29 1.12
C MET A 40 -6.59 0.16 2.04
N ALA A 41 -7.21 1.26 2.33
CA ALA A 41 -8.43 1.26 3.11
C ALA A 41 -9.46 0.35 2.44
N ALA A 42 -9.59 0.47 1.12
CA ALA A 42 -10.41 -0.46 0.35
C ALA A 42 -9.71 -1.81 0.22
N PHE A 43 -8.43 -1.75 -0.11
CA PHE A 43 -7.59 -2.93 -0.33
C PHE A 43 -7.66 -3.92 0.84
N ILE A 44 -7.47 -3.42 2.05
CA ILE A 44 -7.46 -4.28 3.23
C ILE A 44 -8.85 -4.77 3.55
N LYS A 45 -9.84 -3.94 3.28
CA LYS A 45 -11.23 -4.29 3.52
C LYS A 45 -11.70 -5.35 2.52
N GLN A 46 -11.45 -5.10 1.24
CA GLN A 46 -11.96 -5.94 0.15
C GLN A 46 -11.06 -7.17 -0.10
N ARG A 47 -9.77 -6.94 -0.18
CA ARG A 47 -8.80 -8.00 -0.48
C ARG A 47 -8.18 -8.53 0.80
N THR A 48 -7.69 -7.61 1.63
CA THR A 48 -7.11 -7.93 2.92
C THR A 48 -5.67 -8.43 2.79
N ALA A 49 -4.77 -7.77 3.51
CA ALA A 49 -3.36 -8.14 3.51
C ALA A 49 -2.97 -8.77 4.85
N LYS A 50 -3.80 -9.69 5.32
CA LYS A 50 -3.56 -10.34 6.60
C LYS A 50 -4.05 -11.78 6.58
N TYR A 51 -5.37 -11.94 6.46
CA TYR A 51 -5.96 -13.28 6.37
C TYR A 51 -5.44 -13.99 5.13
N VAL A 52 -5.17 -15.28 5.25
CA VAL A 52 -4.63 -16.07 4.15
C VAL A 52 -5.75 -16.59 3.25
N ALA A 53 -6.65 -15.70 2.86
CA ALA A 53 -7.78 -16.05 2.01
C ALA A 53 -7.29 -16.41 0.60
N ASN A 54 -6.12 -15.92 0.24
CA ASN A 54 -5.51 -16.25 -1.04
C ASN A 54 -5.03 -17.70 -1.06
N GLN A 55 -4.59 -18.17 0.11
CA GLN A 55 -4.02 -19.50 0.24
C GLN A 55 -5.10 -20.56 0.24
N PRO A 56 -5.02 -21.53 -0.67
CA PRO A 56 -5.96 -22.62 -0.78
C PRO A 56 -5.53 -23.85 0.03
N GLY A 57 -6.47 -24.44 0.74
CA GLY A 57 -6.18 -25.64 1.50
C GLY A 57 -6.51 -26.88 0.69
N MET A 58 -6.06 -26.89 -0.55
CA MET A 58 -6.43 -27.94 -1.49
C MET A 58 -5.47 -29.13 -1.41
N GLN A 59 -6.04 -30.30 -1.13
CA GLN A 59 -5.36 -31.59 -1.20
C GLN A 59 -6.18 -32.62 -0.44
N PRO A 1 -10.34 21.35 -3.22
CA PRO A 1 -9.33 21.40 -2.14
C PRO A 1 -8.96 20.00 -1.70
N ASN A 2 -7.75 19.85 -1.15
CA ASN A 2 -7.25 18.55 -0.70
C ASN A 2 -7.23 17.56 -1.87
N ARG A 3 -7.38 16.28 -1.55
CA ARG A 3 -7.50 15.21 -2.57
C ARG A 3 -6.14 14.88 -3.19
N SER A 4 -5.34 15.92 -3.40
CA SER A 4 -3.99 15.76 -3.95
C SER A 4 -3.11 15.00 -2.97
N ILE A 5 -2.47 13.95 -3.47
CA ILE A 5 -1.65 13.09 -2.64
C ILE A 5 -0.18 13.52 -2.66
N SER A 6 0.51 13.26 -1.56
CA SER A 6 1.91 13.60 -1.43
C SER A 6 2.78 12.56 -2.14
N PRO A 7 3.54 13.00 -3.16
CA PRO A 7 4.46 12.13 -3.89
C PRO A 7 5.64 11.71 -3.04
N SER A 8 5.96 12.51 -2.03
CA SER A 8 7.07 12.22 -1.12
C SER A 8 6.74 10.95 -0.32
N ALA A 9 5.48 10.81 0.07
CA ALA A 9 5.03 9.62 0.78
C ALA A 9 5.18 8.38 -0.10
N LEU A 10 4.88 8.56 -1.38
CA LEU A 10 5.01 7.48 -2.35
C LEU A 10 6.47 7.14 -2.60
N GLN A 11 7.30 8.18 -2.70
CA GLN A 11 8.72 7.98 -2.94
C GLN A 11 9.39 7.26 -1.78
N ASP A 12 9.03 7.62 -0.55
CA ASP A 12 9.59 6.96 0.62
C ASP A 12 9.04 5.55 0.74
N LEU A 13 7.83 5.36 0.25
CA LEU A 13 7.15 4.07 0.28
C LEU A 13 7.85 3.08 -0.65
N LEU A 14 8.12 3.51 -1.88
CA LEU A 14 8.82 2.67 -2.84
C LEU A 14 10.25 2.47 -2.37
N ARG A 15 10.79 3.52 -1.78
CA ARG A 15 12.14 3.54 -1.26
C ARG A 15 12.36 2.43 -0.23
N THR A 16 11.44 2.31 0.72
CA THR A 16 11.54 1.26 1.74
C THR A 16 11.28 -0.11 1.12
N LEU A 17 10.35 -0.15 0.16
CA LEU A 17 9.95 -1.39 -0.50
C LEU A 17 11.10 -1.96 -1.33
N LYS A 18 12.09 -1.12 -1.66
CA LYS A 18 13.25 -1.57 -2.43
C LYS A 18 14.13 -2.48 -1.59
N SER A 19 13.82 -2.59 -0.30
CA SER A 19 14.48 -3.54 0.55
C SER A 19 13.55 -4.74 0.75
N PRO A 20 13.79 -5.83 0.02
CA PRO A 20 12.92 -7.01 0.04
C PRO A 20 13.18 -7.88 1.26
N SER A 21 12.56 -7.52 2.36
CA SER A 21 12.68 -8.27 3.59
C SER A 21 11.35 -8.24 4.34
N SER A 22 11.05 -9.32 5.04
CA SER A 22 9.77 -9.49 5.73
C SER A 22 9.35 -8.24 6.51
N PRO A 23 10.16 -7.75 7.48
CA PRO A 23 9.78 -6.60 8.32
C PRO A 23 9.56 -5.34 7.50
N GLN A 24 10.41 -5.10 6.52
CA GLN A 24 10.34 -3.89 5.71
C GLN A 24 9.06 -3.89 4.88
N GLN A 25 8.67 -5.06 4.41
CA GLN A 25 7.50 -5.19 3.55
C GLN A 25 6.22 -4.94 4.32
N GLN A 26 5.98 -5.70 5.38
CA GLN A 26 4.74 -5.56 6.14
C GLN A 26 4.74 -4.36 7.08
N GLN A 27 5.77 -4.23 7.93
CA GLN A 27 5.76 -3.21 8.99
C GLN A 27 5.88 -1.80 8.43
N GLN A 28 6.93 -1.56 7.65
CA GLN A 28 7.21 -0.21 7.15
C GLN A 28 6.22 0.25 6.09
N VAL A 29 6.00 -0.60 5.10
CA VAL A 29 5.12 -0.23 3.98
C VAL A 29 3.70 0.07 4.44
N LEU A 30 3.17 -0.76 5.34
CA LEU A 30 1.81 -0.56 5.84
C LEU A 30 1.68 0.83 6.49
N ASN A 31 2.68 1.17 7.30
CA ASN A 31 2.70 2.45 8.00
C ASN A 31 2.77 3.62 7.04
N ILE A 32 3.64 3.52 6.03
CA ILE A 32 3.83 4.60 5.07
C ILE A 32 2.63 4.69 4.13
N LEU A 33 2.12 3.54 3.73
CA LEU A 33 0.97 3.48 2.83
C LEU A 33 -0.26 4.08 3.50
N LYS A 34 -0.39 3.83 4.81
CA LYS A 34 -1.49 4.38 5.59
C LYS A 34 -1.42 5.90 5.62
N SER A 35 -0.22 6.45 5.46
CA SER A 35 -0.02 7.90 5.44
C SER A 35 -0.57 8.48 4.14
N ASN A 36 -0.89 7.60 3.20
CA ASN A 36 -1.55 8.00 1.96
C ASN A 36 -2.91 7.30 1.91
N PRO A 37 -3.89 7.84 2.64
CA PRO A 37 -5.17 7.17 2.87
C PRO A 37 -5.96 6.91 1.58
N GLN A 38 -5.71 7.72 0.56
CA GLN A 38 -6.41 7.58 -0.71
C GLN A 38 -5.95 6.31 -1.43
N LEU A 39 -4.65 6.11 -1.48
CA LEU A 39 -4.07 4.94 -2.14
C LEU A 39 -4.27 3.70 -1.26
N MET A 40 -4.02 3.87 0.03
CA MET A 40 -4.12 2.77 1.00
C MET A 40 -5.52 2.19 1.02
N ALA A 41 -6.53 3.06 0.94
CA ALA A 41 -7.92 2.62 0.94
C ALA A 41 -8.21 1.69 -0.22
N ALA A 42 -7.57 1.96 -1.37
CA ALA A 42 -7.76 1.14 -2.55
C ALA A 42 -7.15 -0.24 -2.37
N PHE A 43 -5.97 -0.29 -1.75
CA PHE A 43 -5.30 -1.55 -1.48
C PHE A 43 -6.10 -2.37 -0.46
N ILE A 44 -6.57 -1.71 0.58
CA ILE A 44 -7.38 -2.37 1.60
C ILE A 44 -8.67 -2.90 0.98
N LYS A 45 -9.21 -2.15 0.03
CA LYS A 45 -10.43 -2.53 -0.65
C LYS A 45 -10.21 -3.74 -1.55
N GLN A 46 -9.13 -3.74 -2.32
CA GLN A 46 -8.87 -4.84 -3.24
C GLN A 46 -8.50 -6.11 -2.47
N ARG A 47 -7.78 -5.93 -1.36
CA ARG A 47 -7.49 -7.02 -0.41
C ARG A 47 -6.57 -8.08 -1.04
N THR A 48 -6.02 -7.76 -2.22
CA THR A 48 -5.17 -8.68 -3.00
C THR A 48 -5.52 -10.16 -2.77
N ALA A 49 -6.50 -10.64 -3.53
CA ALA A 49 -6.95 -12.01 -3.41
C ALA A 49 -5.90 -12.99 -3.92
N LYS A 50 -5.04 -13.45 -3.02
CA LYS A 50 -4.02 -14.43 -3.37
C LYS A 50 -4.52 -15.85 -3.12
N TYR A 51 -4.43 -16.30 -1.87
CA TYR A 51 -4.79 -17.67 -1.53
C TYR A 51 -6.22 -17.76 -1.00
N VAL A 52 -6.98 -16.69 -1.16
CA VAL A 52 -8.36 -16.68 -0.71
C VAL A 52 -9.31 -16.95 -1.87
N ALA A 53 -8.72 -17.36 -3.00
CA ALA A 53 -9.46 -17.66 -4.22
C ALA A 53 -10.19 -16.43 -4.76
N ASN A 54 -10.94 -16.64 -5.84
CA ASN A 54 -11.72 -15.56 -6.45
C ASN A 54 -13.06 -16.10 -6.91
N GLN A 55 -13.55 -17.11 -6.21
CA GLN A 55 -14.80 -17.76 -6.56
C GLN A 55 -15.95 -17.12 -5.79
N PRO A 56 -17.05 -16.78 -6.48
CA PRO A 56 -18.21 -16.15 -5.87
C PRO A 56 -18.99 -17.11 -4.97
N GLY A 57 -18.71 -17.06 -3.68
CA GLY A 57 -19.41 -17.89 -2.73
C GLY A 57 -20.65 -17.21 -2.18
N MET A 58 -21.30 -17.84 -1.21
CA MET A 58 -22.51 -17.30 -0.62
C MET A 58 -22.19 -16.01 0.15
N GLN A 59 -22.85 -14.93 -0.24
CA GLN A 59 -22.64 -13.64 0.40
C GLN A 59 -23.68 -13.41 1.47
N PRO A 1 -6.87 15.31 -1.60
CA PRO A 1 -6.48 16.09 -0.40
C PRO A 1 -6.79 17.58 -0.61
N ASN A 2 -6.12 18.45 0.15
CA ASN A 2 -6.35 19.89 0.04
C ASN A 2 -5.99 20.40 -1.35
N ARG A 3 -4.82 20.00 -1.84
CA ARG A 3 -4.43 20.38 -3.19
C ARG A 3 -3.68 19.26 -3.90
N SER A 4 -2.69 18.66 -3.22
CA SER A 4 -1.86 17.63 -3.83
C SER A 4 -1.37 16.64 -2.78
N ILE A 5 -1.01 15.44 -3.22
CA ILE A 5 -0.33 14.48 -2.37
C ILE A 5 1.18 14.66 -2.52
N SER A 6 1.85 14.83 -1.39
CA SER A 6 3.28 15.10 -1.39
C SER A 6 4.07 13.90 -1.93
N PRO A 7 4.92 14.14 -2.93
CA PRO A 7 5.75 13.10 -3.54
C PRO A 7 6.72 12.50 -2.53
N SER A 8 6.96 13.23 -1.45
CA SER A 8 7.83 12.78 -0.37
C SER A 8 7.27 11.53 0.28
N ALA A 9 5.96 11.50 0.48
CA ALA A 9 5.28 10.34 1.05
C ALA A 9 5.29 9.18 0.06
N LEU A 10 5.14 9.51 -1.21
CA LEU A 10 5.10 8.51 -2.27
C LEU A 10 6.46 7.85 -2.46
N GLN A 11 7.49 8.66 -2.56
CA GLN A 11 8.85 8.16 -2.80
C GLN A 11 9.34 7.32 -1.63
N ASP A 12 8.96 7.73 -0.43
CA ASP A 12 9.34 7.03 0.79
C ASP A 12 8.71 5.65 0.82
N LEU A 13 7.52 5.55 0.24
CA LEU A 13 6.82 4.28 0.13
C LEU A 13 7.55 3.35 -0.84
N LEU A 14 7.92 3.89 -1.99
CA LEU A 14 8.57 3.12 -3.06
C LEU A 14 9.89 2.52 -2.57
N ARG A 15 10.70 3.36 -1.95
CA ARG A 15 12.05 2.95 -1.55
C ARG A 15 12.05 1.71 -0.65
N THR A 16 11.21 1.72 0.37
CA THR A 16 11.12 0.58 1.28
C THR A 16 10.44 -0.60 0.62
N LEU A 17 9.42 -0.31 -0.19
CA LEU A 17 8.65 -1.33 -0.87
C LEU A 17 9.51 -2.11 -1.88
N LYS A 18 10.62 -1.49 -2.29
CA LYS A 18 11.53 -2.12 -3.24
C LYS A 18 12.24 -3.30 -2.58
N SER A 19 12.51 -3.18 -1.29
CA SER A 19 13.13 -4.27 -0.55
C SER A 19 12.08 -4.97 0.32
N PRO A 20 11.56 -6.11 -0.14
CA PRO A 20 10.61 -6.90 0.60
C PRO A 20 11.30 -8.00 1.41
N SER A 21 12.62 -8.03 1.29
CA SER A 21 13.45 -9.04 1.94
C SER A 21 13.84 -8.61 3.35
N SER A 22 12.87 -8.09 4.08
CA SER A 22 13.09 -7.65 5.44
C SER A 22 11.75 -7.24 6.08
N PRO A 23 11.73 -6.96 7.40
CA PRO A 23 10.53 -6.47 8.10
C PRO A 23 9.90 -5.24 7.42
N GLN A 24 10.68 -4.53 6.61
CA GLN A 24 10.24 -3.29 6.00
C GLN A 24 9.03 -3.51 5.09
N GLN A 25 8.87 -4.71 4.55
CA GLN A 25 7.77 -5.00 3.67
C GLN A 25 6.44 -4.79 4.39
N GLN A 26 6.25 -5.49 5.51
CA GLN A 26 5.03 -5.33 6.29
C GLN A 26 5.07 -4.08 7.16
N GLN A 27 6.14 -3.89 7.92
CA GLN A 27 6.17 -2.88 8.97
C GLN A 27 6.21 -1.46 8.40
N GLN A 28 7.19 -1.20 7.54
CA GLN A 28 7.43 0.15 7.05
C GLN A 28 6.34 0.58 6.08
N VAL A 29 6.04 -0.27 5.11
CA VAL A 29 5.04 0.04 4.10
C VAL A 29 3.68 0.31 4.73
N LEU A 30 3.33 -0.48 5.76
CA LEU A 30 2.03 -0.36 6.42
C LEU A 30 1.80 1.07 6.93
N ASN A 31 2.80 1.63 7.58
CA ASN A 31 2.69 2.97 8.14
C ASN A 31 2.61 4.02 7.04
N ILE A 32 3.51 3.92 6.07
CA ILE A 32 3.60 4.90 5.00
C ILE A 32 2.36 4.84 4.12
N LEU A 33 1.90 3.62 3.89
CA LEU A 33 0.71 3.38 3.10
C LEU A 33 -0.50 4.00 3.77
N LYS A 34 -0.55 3.92 5.10
CA LYS A 34 -1.67 4.46 5.88
C LYS A 34 -1.71 5.98 5.77
N SER A 35 -0.55 6.59 5.56
CA SER A 35 -0.45 8.03 5.43
C SER A 35 -0.88 8.45 4.03
N ASN A 36 -1.06 7.47 3.15
CA ASN A 36 -1.54 7.71 1.80
C ASN A 36 -2.88 7.01 1.60
N PRO A 37 -3.98 7.66 2.05
CA PRO A 37 -5.30 7.04 2.10
C PRO A 37 -5.78 6.48 0.76
N GLN A 38 -5.43 7.17 -0.31
CA GLN A 38 -5.85 6.76 -1.65
C GLN A 38 -5.34 5.36 -1.98
N LEU A 39 -4.07 5.13 -1.73
CA LEU A 39 -3.45 3.85 -2.05
C LEU A 39 -3.87 2.79 -1.03
N MET A 40 -3.96 3.21 0.24
CA MET A 40 -4.34 2.29 1.31
C MET A 40 -5.73 1.74 1.05
N ALA A 41 -6.66 2.63 0.69
CA ALA A 41 -8.04 2.24 0.41
C ALA A 41 -8.10 1.20 -0.69
N ALA A 42 -7.24 1.33 -1.69
CA ALA A 42 -7.20 0.39 -2.80
C ALA A 42 -6.70 -0.97 -2.32
N PHE A 43 -5.62 -0.94 -1.54
CA PHE A 43 -5.03 -2.15 -1.00
C PHE A 43 -5.99 -2.86 -0.05
N ILE A 44 -6.66 -2.08 0.80
CA ILE A 44 -7.62 -2.61 1.75
C ILE A 44 -8.81 -3.25 1.04
N LYS A 45 -9.34 -2.57 0.04
CA LYS A 45 -10.51 -3.03 -0.68
C LYS A 45 -10.23 -4.32 -1.44
N GLN A 46 -9.14 -4.35 -2.20
CA GLN A 46 -8.83 -5.50 -3.04
C GLN A 46 -8.17 -6.62 -2.25
N ARG A 47 -7.45 -6.25 -1.20
CA ARG A 47 -6.68 -7.20 -0.39
C ARG A 47 -5.70 -7.95 -1.30
N THR A 48 -5.15 -7.22 -2.26
CA THR A 48 -4.33 -7.80 -3.33
C THR A 48 -5.20 -8.58 -4.31
N ALA A 49 -5.77 -9.70 -3.85
CA ALA A 49 -6.64 -10.54 -4.66
C ALA A 49 -7.17 -11.71 -3.83
N LYS A 50 -8.33 -11.53 -3.20
CA LYS A 50 -8.89 -12.57 -2.36
C LYS A 50 -10.25 -13.01 -2.86
N TYR A 51 -11.17 -12.06 -3.03
CA TYR A 51 -12.50 -12.36 -3.53
C TYR A 51 -12.49 -12.30 -5.06
N VAL A 52 -11.69 -11.41 -5.58
CA VAL A 52 -11.54 -11.27 -7.03
C VAL A 52 -10.54 -12.31 -7.54
N ALA A 53 -11.06 -13.45 -7.99
CA ALA A 53 -10.20 -14.53 -8.45
C ALA A 53 -10.62 -14.99 -9.84
N ASN A 54 -11.83 -15.53 -9.94
CA ASN A 54 -12.33 -16.09 -11.20
C ASN A 54 -13.85 -16.17 -11.22
N GLN A 55 -14.41 -16.90 -10.26
CA GLN A 55 -15.82 -17.17 -10.25
C GLN A 55 -16.57 -16.13 -9.43
N PRO A 56 -17.54 -15.46 -10.04
CA PRO A 56 -18.41 -14.52 -9.36
C PRO A 56 -19.66 -15.20 -8.83
N GLY A 57 -20.22 -14.68 -7.74
CA GLY A 57 -21.40 -15.27 -7.15
C GLY A 57 -22.66 -14.93 -7.91
N MET A 58 -22.94 -15.68 -8.97
CA MET A 58 -24.13 -15.45 -9.78
C MET A 58 -25.38 -15.75 -8.97
N GLN A 59 -26.42 -14.92 -9.18
CA GLN A 59 -27.71 -15.04 -8.49
C GLN A 59 -27.62 -14.47 -7.08
N PRO A 1 -1.21 14.59 -11.81
CA PRO A 1 -1.40 15.74 -10.90
C PRO A 1 -0.06 16.39 -10.57
N ASN A 2 -0.02 17.72 -10.69
CA ASN A 2 1.20 18.48 -10.41
C ASN A 2 1.02 19.33 -9.18
N ARG A 3 -0.16 19.92 -9.04
CA ARG A 3 -0.41 20.87 -7.95
C ARG A 3 -0.85 20.13 -6.69
N SER A 4 0.08 19.98 -5.75
CA SER A 4 -0.17 19.29 -4.48
C SER A 4 -0.57 17.83 -4.72
N ILE A 5 0.38 17.06 -5.24
CA ILE A 5 0.18 15.63 -5.48
C ILE A 5 0.09 14.86 -4.16
N SER A 6 -0.86 13.93 -4.09
CA SER A 6 -1.04 13.08 -2.94
C SER A 6 0.24 12.30 -2.66
N PRO A 7 0.67 12.30 -1.38
CA PRO A 7 1.97 11.82 -0.89
C PRO A 7 2.68 10.79 -1.76
N SER A 8 3.30 11.27 -2.83
CA SER A 8 4.21 10.46 -3.62
C SER A 8 5.54 10.42 -2.90
N ALA A 9 5.70 11.40 -2.02
CA ALA A 9 6.84 11.45 -1.11
C ALA A 9 6.81 10.22 -0.18
N LEU A 10 5.61 9.90 0.30
CA LEU A 10 5.40 8.70 1.09
C LEU A 10 5.52 7.46 0.21
N GLN A 11 5.05 7.55 -1.03
CA GLN A 11 5.15 6.44 -1.97
C GLN A 11 6.60 5.98 -2.10
N ASP A 12 7.50 6.94 -1.97
CA ASP A 12 8.93 6.72 -2.13
C ASP A 12 9.49 5.73 -1.13
N LEU A 13 9.17 5.94 0.11
CA LEU A 13 9.69 5.10 1.16
C LEU A 13 9.01 3.74 1.11
N LEU A 14 7.72 3.71 0.79
CA LEU A 14 6.96 2.46 0.67
C LEU A 14 7.61 1.52 -0.33
N ARG A 15 8.26 2.13 -1.33
CA ARG A 15 9.06 1.40 -2.32
C ARG A 15 10.05 0.46 -1.66
N THR A 16 10.34 0.76 -0.42
CA THR A 16 11.27 0.01 0.41
C THR A 16 10.91 -1.49 0.42
N LEU A 17 9.61 -1.78 0.31
CA LEU A 17 9.11 -3.15 0.40
C LEU A 17 9.71 -4.05 -0.67
N LYS A 18 10.26 -3.46 -1.74
CA LYS A 18 10.84 -4.24 -2.83
C LYS A 18 12.13 -4.93 -2.40
N SER A 19 12.60 -4.60 -1.21
CA SER A 19 13.71 -5.31 -0.61
C SER A 19 13.19 -6.28 0.45
N PRO A 20 13.08 -7.57 0.12
CA PRO A 20 12.52 -8.58 1.01
C PRO A 20 13.58 -9.17 1.94
N SER A 21 14.66 -8.44 2.13
CA SER A 21 15.72 -8.86 3.02
C SER A 21 15.50 -8.25 4.41
N SER A 22 14.53 -7.33 4.49
CA SER A 22 14.28 -6.61 5.71
C SER A 22 12.79 -6.61 6.06
N PRO A 23 12.48 -6.69 7.37
CA PRO A 23 11.12 -6.63 7.92
C PRO A 23 10.37 -5.37 7.52
N GLN A 24 11.13 -4.37 7.06
CA GLN A 24 10.59 -3.03 6.78
C GLN A 24 9.48 -3.11 5.73
N GLN A 25 9.51 -4.16 4.92
CA GLN A 25 8.55 -4.35 3.85
C GLN A 25 7.11 -4.33 4.38
N GLN A 26 6.80 -5.19 5.33
CA GLN A 26 5.43 -5.28 5.82
C GLN A 26 5.08 -4.12 6.75
N GLN A 27 5.92 -3.88 7.75
CA GLN A 27 5.58 -2.94 8.82
C GLN A 27 5.58 -1.48 8.36
N GLN A 28 6.68 -1.05 7.76
CA GLN A 28 6.86 0.38 7.45
C GLN A 28 5.94 0.81 6.32
N VAL A 29 5.78 -0.04 5.33
CA VAL A 29 4.95 0.29 4.17
C VAL A 29 3.50 0.45 4.59
N LEU A 30 3.05 -0.38 5.53
CA LEU A 30 1.69 -0.25 6.06
C LEU A 30 1.51 1.11 6.73
N ASN A 31 2.55 1.55 7.43
CA ASN A 31 2.52 2.85 8.10
C ASN A 31 2.48 3.98 7.08
N ILE A 32 3.31 3.88 6.04
CA ILE A 32 3.26 4.84 4.95
C ILE A 32 1.88 4.82 4.29
N LEU A 33 1.39 3.62 4.05
CA LEU A 33 0.16 3.41 3.32
C LEU A 33 -1.03 4.09 4.00
N LYS A 34 -1.13 3.95 5.32
CA LYS A 34 -2.22 4.59 6.06
C LYS A 34 -2.02 6.11 6.10
N SER A 35 -0.77 6.54 5.99
CA SER A 35 -0.46 7.98 6.00
C SER A 35 -0.87 8.63 4.68
N ASN A 36 -0.85 7.87 3.59
CA ASN A 36 -1.35 8.36 2.30
C ASN A 36 -2.63 7.63 1.90
N PRO A 37 -3.78 8.14 2.36
CA PRO A 37 -5.09 7.47 2.21
C PRO A 37 -5.45 7.12 0.76
N GLN A 38 -5.02 7.94 -0.19
CA GLN A 38 -5.37 7.72 -1.59
C GLN A 38 -4.88 6.35 -2.08
N LEU A 39 -3.62 6.04 -1.79
CA LEU A 39 -3.06 4.76 -2.22
C LEU A 39 -3.59 3.64 -1.32
N MET A 40 -3.77 3.96 -0.05
CA MET A 40 -4.33 3.02 0.91
C MET A 40 -5.72 2.59 0.46
N ALA A 41 -6.45 3.55 -0.09
CA ALA A 41 -7.77 3.31 -0.65
C ALA A 41 -7.71 2.19 -1.69
N ALA A 42 -6.78 2.32 -2.62
CA ALA A 42 -6.61 1.34 -3.68
C ALA A 42 -6.13 0.00 -3.12
N PHE A 43 -5.25 0.06 -2.12
CA PHE A 43 -4.72 -1.15 -1.49
C PHE A 43 -5.83 -1.93 -0.78
N ILE A 44 -6.72 -1.20 -0.11
CA ILE A 44 -7.85 -1.81 0.57
C ILE A 44 -8.83 -2.43 -0.43
N LYS A 45 -8.97 -1.77 -1.58
CA LYS A 45 -9.85 -2.26 -2.63
C LYS A 45 -9.26 -3.51 -3.31
N GLN A 46 -7.97 -3.46 -3.61
CA GLN A 46 -7.30 -4.56 -4.30
C GLN A 46 -7.07 -5.73 -3.35
N ARG A 47 -6.53 -5.44 -2.17
CA ARG A 47 -6.30 -6.44 -1.13
C ARG A 47 -5.37 -7.58 -1.56
N THR A 48 -4.16 -7.59 -1.03
CA THR A 48 -3.27 -8.74 -1.14
C THR A 48 -3.68 -9.80 -0.11
N ALA A 49 -4.98 -10.05 -0.05
CA ALA A 49 -5.58 -10.82 1.02
C ALA A 49 -5.33 -12.32 0.87
N LYS A 50 -5.54 -12.85 -0.34
CA LYS A 50 -5.36 -14.28 -0.61
C LYS A 50 -6.43 -15.10 0.12
N TYR A 51 -7.57 -15.28 -0.55
CA TYR A 51 -8.69 -16.08 -0.02
C TYR A 51 -9.30 -15.40 1.20
N VAL A 52 -9.75 -14.16 1.03
CA VAL A 52 -10.39 -13.43 2.11
C VAL A 52 -11.92 -13.53 1.98
N ALA A 53 -12.37 -13.93 0.79
CA ALA A 53 -13.80 -14.04 0.52
C ALA A 53 -14.38 -15.28 1.18
N ASN A 54 -14.68 -15.17 2.46
CA ASN A 54 -15.29 -16.25 3.22
C ASN A 54 -16.71 -16.50 2.74
N GLN A 55 -17.38 -15.45 2.32
CA GLN A 55 -18.72 -15.56 1.80
C GLN A 55 -18.70 -15.89 0.31
N PRO A 56 -19.51 -16.87 -0.12
CA PRO A 56 -19.64 -17.22 -1.53
C PRO A 56 -20.61 -16.29 -2.24
N GLY A 57 -21.18 -15.35 -1.49
CA GLY A 57 -22.13 -14.41 -2.04
C GLY A 57 -23.55 -14.80 -1.71
N MET A 58 -24.24 -15.42 -2.66
CA MET A 58 -25.61 -15.86 -2.46
C MET A 58 -25.61 -17.25 -1.82
N GLN A 59 -26.46 -17.44 -0.83
CA GLN A 59 -26.59 -18.73 -0.18
C GLN A 59 -27.94 -19.35 -0.52
N PRO A 1 0.51 14.43 7.60
CA PRO A 1 0.56 15.59 6.70
C PRO A 1 -0.57 16.57 7.00
N ASN A 2 -0.30 17.86 6.86
CA ASN A 2 -1.30 18.88 7.13
C ASN A 2 -1.76 19.55 5.83
N ARG A 3 -2.93 19.10 5.35
CA ARG A 3 -3.53 19.58 4.09
C ARG A 3 -2.70 19.16 2.88
N SER A 4 -1.52 19.73 2.75
CA SER A 4 -0.63 19.40 1.64
C SER A 4 0.16 18.15 1.99
N ILE A 5 -0.13 17.07 1.28
CA ILE A 5 0.51 15.79 1.54
C ILE A 5 1.97 15.83 1.10
N SER A 6 2.85 15.57 2.05
CA SER A 6 4.29 15.65 1.83
C SER A 6 4.79 14.59 0.85
N PRO A 7 5.40 15.03 -0.27
CA PRO A 7 5.92 14.14 -1.31
C PRO A 7 7.04 13.22 -0.79
N SER A 8 7.59 13.56 0.37
CA SER A 8 8.62 12.74 0.98
C SER A 8 8.10 11.33 1.27
N ALA A 9 6.78 11.21 1.37
CA ALA A 9 6.15 9.92 1.63
C ALA A 9 6.37 8.97 0.45
N LEU A 10 6.14 9.45 -0.77
CA LEU A 10 6.30 8.62 -1.96
C LEU A 10 7.76 8.31 -2.21
N GLN A 11 8.59 9.29 -1.96
CA GLN A 11 10.04 9.12 -2.04
C GLN A 11 10.52 8.03 -1.07
N ASP A 12 9.98 8.06 0.15
CA ASP A 12 10.30 7.04 1.14
C ASP A 12 9.67 5.71 0.74
N LEU A 13 8.53 5.79 0.06
CA LEU A 13 7.81 4.60 -0.40
C LEU A 13 8.67 3.76 -1.32
N LEU A 14 9.42 4.44 -2.19
CA LEU A 14 10.32 3.77 -3.13
C LEU A 14 11.29 2.89 -2.36
N ARG A 15 11.72 3.40 -1.23
CA ARG A 15 12.62 2.67 -0.34
C ARG A 15 11.89 1.52 0.36
N THR A 16 10.67 1.79 0.82
CA THR A 16 9.91 0.81 1.62
C THR A 16 9.55 -0.41 0.79
N LEU A 17 9.25 -0.18 -0.48
CA LEU A 17 8.72 -1.20 -1.39
C LEU A 17 9.66 -2.40 -1.56
N LYS A 18 10.85 -2.32 -0.99
CA LYS A 18 11.79 -3.44 -0.96
C LYS A 18 11.24 -4.61 -0.11
N SER A 19 9.95 -4.51 0.21
CA SER A 19 9.15 -5.55 0.87
C SER A 19 9.41 -6.96 0.31
N PRO A 20 8.95 -8.02 1.03
CA PRO A 20 9.53 -9.35 1.04
C PRO A 20 10.85 -9.47 0.31
N SER A 21 11.84 -8.98 1.03
CA SER A 21 13.23 -8.89 0.63
C SER A 21 13.89 -8.08 1.72
N SER A 22 13.12 -7.13 2.23
CA SER A 22 13.46 -6.35 3.40
C SER A 22 12.24 -6.26 4.33
N PRO A 23 12.47 -6.08 5.64
CA PRO A 23 11.43 -6.01 6.69
C PRO A 23 10.40 -4.90 6.48
N GLN A 24 10.72 -3.98 5.59
CA GLN A 24 10.05 -2.68 5.50
C GLN A 24 8.55 -2.76 5.22
N GLN A 25 8.09 -3.88 4.67
CA GLN A 25 6.69 -3.98 4.20
C GLN A 25 5.65 -3.62 5.27
N GLN A 26 5.68 -4.32 6.40
CA GLN A 26 4.59 -4.20 7.36
C GLN A 26 4.58 -2.85 8.04
N GLN A 27 5.71 -2.44 8.59
CA GLN A 27 5.78 -1.18 9.30
C GLN A 27 5.81 0.02 8.34
N GLN A 28 6.78 0.04 7.45
CA GLN A 28 7.05 1.21 6.61
C GLN A 28 6.06 1.39 5.46
N VAL A 29 5.85 0.35 4.66
CA VAL A 29 5.03 0.49 3.44
C VAL A 29 3.58 0.76 3.80
N LEU A 30 3.06 -0.01 4.76
CA LEU A 30 1.68 0.13 5.19
C LEU A 30 1.43 1.55 5.69
N ASN A 31 2.41 2.12 6.38
CA ASN A 31 2.30 3.48 6.91
C ASN A 31 2.19 4.50 5.79
N ILE A 32 2.93 4.28 4.71
CA ILE A 32 2.97 5.23 3.61
C ILE A 32 1.72 5.14 2.75
N LEU A 33 1.29 3.91 2.43
CA LEU A 33 0.10 3.73 1.61
C LEU A 33 -1.10 4.43 2.24
N LYS A 34 -1.14 4.44 3.56
CA LYS A 34 -2.25 5.01 4.31
C LYS A 34 -2.38 6.53 4.08
N SER A 35 -1.28 7.20 3.72
CA SER A 35 -1.27 8.67 3.69
C SER A 35 -1.75 9.28 2.36
N ASN A 36 -1.66 8.52 1.26
CA ASN A 36 -1.95 9.07 -0.09
C ASN A 36 -2.02 7.94 -1.11
N PRO A 37 -1.05 7.02 -1.09
CA PRO A 37 -1.11 5.67 -1.69
C PRO A 37 -2.39 4.88 -1.37
N GLN A 38 -3.31 5.52 -0.63
CA GLN A 38 -4.43 4.90 0.13
C GLN A 38 -5.20 3.83 -0.63
N LEU A 39 -5.00 3.74 -1.93
CA LEU A 39 -5.54 2.62 -2.71
C LEU A 39 -5.22 1.29 -1.99
N MET A 40 -4.05 1.20 -1.32
CA MET A 40 -3.71 0.01 -0.52
C MET A 40 -4.72 -0.23 0.59
N ALA A 41 -5.29 0.84 1.13
CA ALA A 41 -6.30 0.70 2.18
C ALA A 41 -7.45 -0.17 1.68
N ALA A 42 -7.86 0.07 0.45
CA ALA A 42 -8.87 -0.76 -0.21
C ALA A 42 -8.29 -2.14 -0.52
N PHE A 43 -7.01 -2.14 -0.90
CA PHE A 43 -6.25 -3.37 -1.18
C PHE A 43 -6.26 -4.32 0.03
N ILE A 44 -6.05 -3.76 1.22
CA ILE A 44 -6.08 -4.56 2.45
C ILE A 44 -7.48 -5.06 2.74
N LYS A 45 -8.46 -4.17 2.62
CA LYS A 45 -9.85 -4.50 2.91
C LYS A 45 -10.39 -5.54 1.93
N GLN A 46 -9.95 -5.43 0.68
CA GLN A 46 -10.35 -6.36 -0.36
C GLN A 46 -9.62 -7.69 -0.19
N ARG A 47 -8.42 -7.63 0.37
CA ARG A 47 -7.58 -8.79 0.56
C ARG A 47 -7.33 -9.48 -0.78
N THR A 48 -6.59 -8.79 -1.63
CA THR A 48 -6.25 -9.29 -2.95
C THR A 48 -5.14 -10.34 -2.85
N ALA A 49 -5.01 -11.16 -3.90
CA ALA A 49 -3.98 -12.20 -3.95
C ALA A 49 -4.20 -13.24 -2.86
N LYS A 50 -5.47 -13.55 -2.59
CA LYS A 50 -5.83 -14.51 -1.55
C LYS A 50 -5.31 -15.92 -1.88
N TYR A 51 -4.97 -16.12 -3.15
CA TYR A 51 -4.50 -17.41 -3.63
C TYR A 51 -3.15 -17.79 -3.01
N VAL A 52 -2.38 -16.79 -2.65
CA VAL A 52 -1.02 -17.03 -2.17
C VAL A 52 -0.55 -15.98 -1.14
N ALA A 53 -0.89 -14.71 -1.39
CA ALA A 53 -0.38 -13.59 -0.60
C ALA A 53 1.14 -13.51 -0.72
N ASN A 54 1.84 -14.16 0.19
CA ASN A 54 3.30 -14.20 0.16
C ASN A 54 3.80 -15.64 0.34
N GLN A 55 2.93 -16.51 0.85
CA GLN A 55 3.29 -17.88 1.14
C GLN A 55 2.57 -18.86 0.23
N PRO A 56 3.33 -19.67 -0.53
CA PRO A 56 2.76 -20.70 -1.41
C PRO A 56 1.93 -21.70 -0.61
N GLY A 57 0.81 -22.11 -1.18
CA GLY A 57 -0.10 -22.99 -0.48
C GLY A 57 -0.23 -24.34 -1.14
N MET A 58 0.90 -24.93 -1.51
CA MET A 58 0.90 -26.25 -2.14
C MET A 58 0.75 -27.32 -1.08
N GLN A 59 -0.29 -28.13 -1.21
CA GLN A 59 -0.54 -29.26 -0.32
C GLN A 59 -1.81 -29.96 -0.73
N PRO A 1 2.48 22.45 -5.77
CA PRO A 1 2.14 22.98 -4.43
C PRO A 1 0.99 22.20 -3.80
N ASN A 2 1.30 21.00 -3.31
CA ASN A 2 0.31 20.12 -2.70
C ASN A 2 -0.79 19.79 -3.73
N ARG A 3 -2.00 19.51 -3.27
CA ARG A 3 -3.11 19.11 -4.16
C ARG A 3 -2.89 17.71 -4.70
N SER A 4 -1.84 17.53 -5.48
CA SER A 4 -1.45 16.22 -5.98
C SER A 4 -0.50 15.57 -4.98
N ILE A 5 -0.82 14.34 -4.55
CA ILE A 5 -0.02 13.65 -3.55
C ILE A 5 1.39 13.40 -4.06
N SER A 6 2.37 13.73 -3.22
CA SER A 6 3.78 13.57 -3.56
C SER A 6 4.11 12.11 -3.84
N PRO A 7 4.62 11.82 -5.06
CA PRO A 7 5.00 10.46 -5.45
C PRO A 7 6.12 9.91 -4.58
N SER A 8 6.90 10.80 -3.99
CA SER A 8 8.00 10.41 -3.14
C SER A 8 7.50 9.80 -1.83
N ALA A 9 6.25 10.05 -1.49
CA ALA A 9 5.65 9.51 -0.28
C ALA A 9 5.45 8.01 -0.39
N LEU A 10 4.90 7.58 -1.51
CA LEU A 10 4.61 6.16 -1.74
C LEU A 10 5.90 5.38 -1.95
N GLN A 11 6.84 6.01 -2.62
CA GLN A 11 8.17 5.42 -2.83
C GLN A 11 8.87 5.17 -1.51
N ASP A 12 8.87 6.18 -0.65
CA ASP A 12 9.49 6.08 0.67
C ASP A 12 8.73 5.08 1.52
N LEU A 13 7.45 4.96 1.23
CA LEU A 13 6.53 4.14 1.98
C LEU A 13 6.96 2.67 1.97
N LEU A 14 7.23 2.13 0.80
CA LEU A 14 7.68 0.75 0.65
C LEU A 14 9.13 0.61 1.09
N ARG A 15 9.85 1.64 0.75
CA ARG A 15 11.27 1.76 0.88
C ARG A 15 11.71 1.91 2.34
N THR A 16 10.85 2.43 3.17
CA THR A 16 11.24 2.96 4.44
C THR A 16 11.81 1.90 5.37
N LEU A 17 11.10 0.79 5.48
CA LEU A 17 11.34 -0.09 6.59
C LEU A 17 12.58 -0.97 6.40
N LYS A 18 12.63 -1.68 5.28
CA LYS A 18 13.70 -2.66 5.04
C LYS A 18 14.44 -2.50 3.71
N SER A 19 14.40 -1.30 3.11
CA SER A 19 14.17 -1.08 1.67
C SER A 19 14.62 -2.20 0.72
N PRO A 20 13.74 -2.41 -0.30
CA PRO A 20 13.65 -3.56 -1.20
C PRO A 20 14.79 -4.56 -1.18
N SER A 21 14.77 -5.40 -0.15
CA SER A 21 15.60 -6.60 -0.08
C SER A 21 15.14 -7.48 1.07
N SER A 22 14.02 -7.13 1.68
CA SER A 22 13.68 -7.68 2.98
C SER A 22 12.15 -7.73 3.24
N PRO A 23 11.76 -8.25 4.44
CA PRO A 23 10.38 -8.26 4.99
C PRO A 23 9.55 -6.96 4.93
N GLN A 24 10.15 -5.84 4.50
CA GLN A 24 9.72 -4.48 4.90
C GLN A 24 8.23 -4.16 4.73
N GLN A 25 7.53 -4.88 3.87
CA GLN A 25 6.19 -4.47 3.45
C GLN A 25 5.24 -4.19 4.62
N GLN A 26 5.26 -5.02 5.65
CA GLN A 26 4.29 -4.86 6.75
C GLN A 26 4.60 -3.75 7.77
N GLN A 27 5.79 -3.77 8.39
CA GLN A 27 5.94 -3.13 9.71
C GLN A 27 5.87 -1.59 9.70
N GLN A 28 6.83 -0.91 9.08
CA GLN A 28 6.76 0.56 8.99
C GLN A 28 5.81 0.98 7.89
N VAL A 29 5.81 0.18 6.86
CA VAL A 29 5.18 0.51 5.60
C VAL A 29 3.66 0.63 5.77
N LEU A 30 3.06 -0.26 6.52
CA LEU A 30 1.63 -0.20 6.79
C LEU A 30 1.29 1.10 7.54
N ASN A 31 2.20 1.56 8.37
CA ASN A 31 2.02 2.82 9.08
C ASN A 31 2.03 4.02 8.13
N ILE A 32 3.02 4.07 7.23
CA ILE A 32 3.07 5.13 6.22
C ILE A 32 1.89 4.98 5.27
N LEU A 33 1.48 3.74 5.06
CA LEU A 33 0.31 3.42 4.26
C LEU A 33 -0.92 4.12 4.84
N LYS A 34 -0.99 4.20 6.17
CA LYS A 34 -2.09 4.87 6.85
C LYS A 34 -2.03 6.38 6.62
N SER A 35 -0.82 6.93 6.52
CA SER A 35 -0.65 8.36 6.36
C SER A 35 -0.85 8.80 4.91
N ASN A 36 -1.19 7.85 4.05
CA ASN A 36 -1.61 8.19 2.70
C ASN A 36 -2.87 7.42 2.37
N PRO A 37 -4.02 7.93 2.86
CA PRO A 37 -5.32 7.26 2.75
C PRO A 37 -5.66 6.83 1.33
N GLN A 38 -5.24 7.60 0.33
CA GLN A 38 -5.59 7.28 -1.05
C GLN A 38 -4.87 6.04 -1.54
N LEU A 39 -3.57 5.96 -1.26
CA LEU A 39 -2.77 4.81 -1.67
C LEU A 39 -3.27 3.57 -0.93
N MET A 40 -3.55 3.74 0.35
CA MET A 40 -4.04 2.63 1.17
C MET A 40 -5.42 2.21 0.71
N ALA A 41 -6.26 3.20 0.37
CA ALA A 41 -7.59 2.95 -0.15
C ALA A 41 -7.52 2.07 -1.40
N ALA A 42 -6.58 2.38 -2.28
CA ALA A 42 -6.40 1.62 -3.50
C ALA A 42 -5.92 0.20 -3.18
N PHE A 43 -4.95 0.10 -2.30
CA PHE A 43 -4.37 -1.19 -1.94
C PHE A 43 -5.42 -2.10 -1.27
N ILE A 44 -6.20 -1.53 -0.36
CA ILE A 44 -7.20 -2.29 0.38
C ILE A 44 -8.36 -2.69 -0.53
N LYS A 45 -8.81 -1.76 -1.35
CA LYS A 45 -9.93 -2.00 -2.25
C LYS A 45 -9.57 -2.98 -3.37
N GLN A 46 -8.40 -2.76 -3.97
CA GLN A 46 -7.98 -3.57 -5.12
C GLN A 46 -7.55 -4.97 -4.69
N ARG A 47 -6.74 -5.06 -3.65
CA ARG A 47 -6.23 -6.34 -3.19
C ARG A 47 -6.51 -6.52 -1.70
N THR A 48 -5.45 -6.70 -0.90
CA THR A 48 -5.58 -6.89 0.55
C THR A 48 -6.54 -8.02 0.88
N ALA A 49 -6.03 -9.26 0.85
CA ALA A 49 -6.81 -10.47 1.12
C ALA A 49 -7.94 -10.65 0.09
N LYS A 50 -7.91 -9.85 -0.97
CA LYS A 50 -8.92 -9.94 -2.02
C LYS A 50 -8.22 -9.92 -3.37
N TYR A 51 -7.39 -10.91 -3.59
CA TYR A 51 -6.64 -11.03 -4.84
C TYR A 51 -7.49 -11.78 -5.84
N VAL A 52 -8.56 -11.12 -6.31
CA VAL A 52 -9.56 -11.77 -7.14
C VAL A 52 -10.14 -12.95 -6.37
N ALA A 53 -10.33 -12.72 -5.08
CA ALA A 53 -10.84 -13.72 -4.16
C ALA A 53 -11.82 -13.07 -3.21
N ASN A 54 -12.57 -13.86 -2.48
CA ASN A 54 -13.60 -13.30 -1.61
C ASN A 54 -13.53 -13.93 -0.22
N GLN A 55 -13.11 -13.14 0.74
CA GLN A 55 -13.12 -13.55 2.13
C GLN A 55 -14.43 -13.12 2.77
N PRO A 56 -15.19 -14.06 3.34
CA PRO A 56 -16.48 -13.77 3.98
C PRO A 56 -16.31 -13.09 5.34
N GLY A 57 -15.45 -12.08 5.39
CA GLY A 57 -15.20 -11.36 6.61
C GLY A 57 -14.53 -10.03 6.35
N MET A 58 -14.32 -9.25 7.41
CA MET A 58 -13.70 -7.94 7.27
C MET A 58 -12.18 -8.05 7.28
N GLN A 59 -11.54 -7.27 6.41
CA GLN A 59 -10.08 -7.20 6.30
C GLN A 59 -9.48 -8.54 5.91
N PRO A 1 -13.80 14.51 -5.15
CA PRO A 1 -12.57 14.44 -4.33
C PRO A 1 -11.41 13.91 -5.16
N ASN A 2 -10.27 14.58 -5.10
CA ASN A 2 -9.10 14.19 -5.88
C ASN A 2 -7.92 13.95 -4.96
N ARG A 3 -7.48 15.03 -4.29
CA ARG A 3 -6.34 15.00 -3.37
C ARG A 3 -5.03 14.61 -4.06
N SER A 4 -4.11 15.56 -4.11
CA SER A 4 -2.79 15.31 -4.63
C SER A 4 -1.97 14.48 -3.63
N ILE A 5 -1.77 13.21 -3.93
CA ILE A 5 -1.02 12.32 -3.06
C ILE A 5 0.46 12.74 -3.05
N SER A 6 0.98 12.98 -1.85
CA SER A 6 2.33 13.52 -1.70
C SER A 6 3.39 12.54 -2.20
N PRO A 7 4.13 12.94 -3.24
CA PRO A 7 5.17 12.09 -3.85
C PRO A 7 6.31 11.80 -2.89
N SER A 8 6.50 12.68 -1.91
CA SER A 8 7.52 12.50 -0.90
C SER A 8 7.28 11.21 -0.12
N ALA A 9 6.02 10.99 0.26
CA ALA A 9 5.64 9.79 0.98
C ALA A 9 5.70 8.58 0.07
N LEU A 10 5.28 8.77 -1.18
CA LEU A 10 5.25 7.69 -2.16
C LEU A 10 6.65 7.19 -2.49
N GLN A 11 7.57 8.11 -2.73
CA GLN A 11 8.92 7.77 -3.13
C GLN A 11 9.64 7.02 -2.02
N ASP A 12 9.42 7.45 -0.79
CA ASP A 12 9.99 6.79 0.38
C ASP A 12 9.34 5.43 0.58
N LEU A 13 8.07 5.32 0.20
CA LEU A 13 7.36 4.05 0.23
C LEU A 13 7.99 3.07 -0.75
N LEU A 14 8.36 3.56 -1.92
CA LEU A 14 9.01 2.74 -2.93
C LEU A 14 10.35 2.26 -2.42
N ARG A 15 11.03 3.12 -1.68
CA ARG A 15 12.34 2.81 -1.10
C ARG A 15 12.28 1.54 -0.27
N THR A 16 11.33 1.51 0.66
CA THR A 16 11.19 0.39 1.58
C THR A 16 10.63 -0.85 0.87
N LEU A 17 9.69 -0.62 -0.04
CA LEU A 17 9.05 -1.71 -0.78
C LEU A 17 10.04 -2.36 -1.75
N LYS A 18 10.97 -1.56 -2.26
CA LYS A 18 11.97 -2.05 -3.20
C LYS A 18 13.00 -2.91 -2.48
N SER A 19 13.05 -2.79 -1.17
CA SER A 19 13.96 -3.57 -0.36
C SER A 19 13.20 -4.73 0.30
N PRO A 20 13.32 -5.94 -0.25
CA PRO A 20 12.54 -7.09 0.17
C PRO A 20 13.04 -7.69 1.48
N SER A 21 12.63 -7.07 2.57
CA SER A 21 12.81 -7.64 3.89
C SER A 21 11.49 -7.54 4.61
N SER A 22 11.06 -8.65 5.22
CA SER A 22 9.73 -8.77 5.82
C SER A 22 9.33 -7.53 6.62
N PRO A 23 10.16 -7.06 7.58
CA PRO A 23 9.79 -5.90 8.41
C PRO A 23 9.58 -4.61 7.62
N GLN A 24 10.50 -4.28 6.72
CA GLN A 24 10.36 -3.02 5.98
C GLN A 24 9.29 -3.14 4.90
N GLN A 25 9.22 -4.31 4.27
CA GLN A 25 8.28 -4.51 3.18
C GLN A 25 6.85 -4.59 3.69
N GLN A 26 6.59 -5.50 4.62
CA GLN A 26 5.24 -5.70 5.12
C GLN A 26 4.84 -4.62 6.13
N GLN A 27 5.64 -4.45 7.18
CA GLN A 27 5.28 -3.55 8.29
C GLN A 27 5.39 -2.08 7.91
N GLN A 28 6.55 -1.68 7.39
CA GLN A 28 6.83 -0.28 7.11
C GLN A 28 5.89 0.27 6.03
N VAL A 29 5.71 -0.50 4.95
CA VAL A 29 4.82 -0.09 3.87
C VAL A 29 3.40 0.10 4.38
N LEU A 30 2.93 -0.83 5.21
CA LEU A 30 1.59 -0.78 5.76
C LEU A 30 1.39 0.51 6.56
N ASN A 31 2.37 0.85 7.39
CA ASN A 31 2.28 2.04 8.21
C ASN A 31 2.34 3.31 7.36
N ILE A 32 3.25 3.35 6.38
CA ILE A 32 3.35 4.50 5.48
C ILE A 32 2.05 4.69 4.73
N LEU A 33 1.48 3.57 4.28
CA LEU A 33 0.23 3.59 3.51
C LEU A 33 -0.89 4.31 4.27
N LYS A 34 -0.88 4.25 5.58
CA LYS A 34 -1.93 4.86 6.37
C LYS A 34 -1.85 6.41 6.36
N SER A 35 -0.65 6.96 6.18
CA SER A 35 -0.43 8.38 6.43
C SER A 35 -0.87 9.29 5.26
N ASN A 36 -0.85 8.78 4.04
CA ASN A 36 -1.06 9.62 2.83
C ASN A 36 -1.22 8.72 1.60
N PRO A 37 -0.38 7.67 1.51
CA PRO A 37 -0.65 6.46 0.72
C PRO A 37 -2.04 5.86 0.93
N GLN A 38 -2.84 6.50 1.82
CA GLN A 38 -4.19 6.08 2.24
C GLN A 38 -5.07 5.64 1.06
N LEU A 39 -4.63 5.91 -0.15
CA LEU A 39 -5.15 5.23 -1.33
C LEU A 39 -5.26 3.71 -1.04
N MET A 40 -4.34 3.23 -0.19
CA MET A 40 -4.35 1.85 0.31
C MET A 40 -5.68 1.50 0.95
N ALA A 41 -6.32 2.50 1.53
CA ALA A 41 -7.60 2.29 2.19
C ALA A 41 -8.60 1.65 1.23
N ALA A 42 -8.61 2.14 -0.01
CA ALA A 42 -9.45 1.56 -1.05
C ALA A 42 -8.94 0.17 -1.44
N PHE A 43 -7.62 0.03 -1.47
CA PHE A 43 -6.95 -1.24 -1.78
C PHE A 43 -7.34 -2.32 -0.77
N ILE A 44 -7.32 -1.95 0.50
CA ILE A 44 -7.72 -2.84 1.59
C ILE A 44 -9.19 -3.24 1.45
N LYS A 45 -10.02 -2.24 1.23
CA LYS A 45 -11.45 -2.46 1.00
C LYS A 45 -11.70 -3.34 -0.22
N GLN A 46 -10.91 -3.14 -1.27
CA GLN A 46 -10.99 -3.97 -2.46
C GLN A 46 -10.47 -5.37 -2.15
N ARG A 47 -9.68 -5.45 -1.08
CA ARG A 47 -9.19 -6.71 -0.52
C ARG A 47 -8.30 -7.45 -1.51
N THR A 48 -7.54 -6.68 -2.27
CA THR A 48 -6.56 -7.22 -3.22
C THR A 48 -7.24 -8.19 -4.22
N ALA A 49 -8.45 -7.83 -4.64
CA ALA A 49 -9.23 -8.70 -5.52
C ALA A 49 -8.83 -8.54 -6.97
N LYS A 50 -7.58 -8.88 -7.28
CA LYS A 50 -7.12 -8.91 -8.66
C LYS A 50 -7.04 -10.35 -9.13
N TYR A 51 -7.89 -10.70 -10.07
CA TYR A 51 -7.99 -12.08 -10.54
C TYR A 51 -6.88 -12.41 -11.54
N VAL A 52 -5.97 -11.45 -11.74
CA VAL A 52 -4.82 -11.61 -12.62
C VAL A 52 -5.24 -11.73 -14.08
N ALA A 53 -5.08 -10.65 -14.82
CA ALA A 53 -5.34 -10.66 -16.25
C ALA A 53 -4.05 -11.00 -16.99
N ASN A 54 -4.19 -11.65 -18.14
CA ASN A 54 -3.04 -12.05 -18.94
C ASN A 54 -2.42 -10.86 -19.65
N GLN A 55 -1.93 -9.92 -18.87
CA GLN A 55 -1.31 -8.71 -19.38
C GLN A 55 0.19 -8.75 -19.10
N PRO A 56 1.02 -8.68 -20.15
CA PRO A 56 2.48 -8.68 -20.01
C PRO A 56 3.00 -7.36 -19.44
N GLY A 57 2.70 -7.11 -18.18
CA GLY A 57 3.15 -5.91 -17.52
C GLY A 57 4.39 -6.15 -16.68
N MET A 58 5.26 -5.15 -16.60
CA MET A 58 6.49 -5.29 -15.85
C MET A 58 6.27 -4.91 -14.40
N GLN A 59 6.59 -5.82 -13.50
CA GLN A 59 6.42 -5.60 -12.07
C GLN A 59 7.72 -5.90 -11.35
#